data_1G7R
#
_entry.id   1G7R
#
_cell.length_a   48.316
_cell.length_b   54.355
_cell.length_c   90.978
_cell.angle_alpha   104.90
_cell.angle_beta   101.33
_cell.angle_gamma   98.75
#
_symmetry.space_group_name_H-M   'P 1'
#
loop_
_entity.id
_entity.type
_entity.pdbx_description
1 polymer 'TRANSLATION INITIATION FACTOR IF2/EIF5B'
2 water water
#
_entity_poly.entity_id   1
_entity_poly.type   'polypeptide(L)'
_entity_poly.pdbx_seq_one_letter_code
;(MSE)KIRSPIVSVLGHVDHGKTTLLDHIRGSAVASREAGGITQHIGATEIP(MSE)DVIEGICGDFLKKFSIRETLPGL
FFIDTPGHEAFTTLRKRGGALADLAILIVDINEGFKPQTQEALNILR(MSE)YRTPFVVAANKIDRIHGWRVHEGRPF
(MSE)ETFSKQDIQVQQKLDTKVYELVGKLHEEGFESERFDRVTDFASQVSIIPISAITGEGIPELLT(MSE)L(MSE)G
LAQQYLREQLKIEEDSPARGTILEVKEETGLG(MSE)TIDAVIYDGILRKDDTIA(MSE)(MSE)TSKDVISTRIRSLLK
PRPLEE(MSE)RESRKKFQKVDEVVAAAGIKIVAPGIDDV(MSE)AGSPLRVVTDPEKVREEILSEIEDIKIDTDEAGVV
VKADTLGSLEAVVKILRD(MSE)YVPIKVADIGDVSRRDVVNAGIALQEDRVYGAIIAFNVKVIPSAAQELKNSDIKLFQ
GNVIYRL(MSE)EEYEEWVRGIEEEKKKKW(MSE)EAIIKPASIRLIPKLVFRQSKPAIGGVEVLTGVIRQGYPL(MSE)
NDDGETVGTVES(MSE)QDKGENLKSASRGQKVA(MSE)AIKDAVYGKTIHEGDTLYVDIPENHYHILKEQLSGDLTDEE
LDL(MSE)DKIAEIKRKKNPDWG(MSE)KAPF
;
_entity_poly.pdbx_strand_id   A
#
# COMPACT_ATOMS: atom_id res chain seq x y z
N MSE A 1 -30.94 -13.19 -18.24
CA MSE A 1 -30.13 -12.78 -17.06
C MSE A 1 -30.23 -13.74 -15.88
O MSE A 1 -31.32 -14.23 -15.55
CB MSE A 1 -30.51 -11.37 -16.63
CG MSE A 1 -30.17 -10.31 -17.66
SE MSE A 1 -30.24 -8.65 -16.94
CE MSE A 1 -30.62 -7.56 -18.39
N LYS A 2 -29.09 -14.02 -15.26
CA LYS A 2 -29.01 -14.92 -14.12
C LYS A 2 -28.27 -14.31 -12.92
N ILE A 3 -28.44 -14.92 -11.75
CA ILE A 3 -27.76 -14.46 -10.54
C ILE A 3 -26.67 -15.51 -10.32
N ARG A 4 -25.40 -15.13 -10.43
CA ARG A 4 -24.35 -16.14 -10.24
C ARG A 4 -23.92 -16.32 -8.81
N SER A 5 -23.01 -17.28 -8.64
CA SER A 5 -22.49 -17.61 -7.32
C SER A 5 -21.42 -16.60 -6.96
N PRO A 6 -21.41 -16.13 -5.70
CA PRO A 6 -20.37 -15.17 -5.32
C PRO A 6 -19.02 -15.86 -5.48
N ILE A 7 -18.01 -15.12 -5.91
CA ILE A 7 -16.67 -15.70 -6.04
C ILE A 7 -15.93 -15.34 -4.73
N VAL A 8 -15.36 -16.38 -4.11
CA VAL A 8 -14.67 -16.27 -2.83
C VAL A 8 -13.21 -16.65 -2.88
N SER A 9 -12.31 -15.70 -2.63
CA SER A 9 -10.89 -16.03 -2.60
C SER A 9 -10.49 -16.35 -1.16
N VAL A 10 -9.49 -17.20 -0.99
CA VAL A 10 -9.04 -17.54 0.35
C VAL A 10 -7.64 -16.98 0.52
N LEU A 11 -7.47 -16.08 1.48
CA LEU A 11 -6.16 -15.49 1.71
C LEU A 11 -5.54 -15.96 3.01
N GLY A 12 -4.24 -15.75 3.12
CA GLY A 12 -3.53 -16.18 4.31
C GLY A 12 -2.62 -17.31 3.90
N THR A 19 -5.78 -25.69 -0.11
CA THR A 19 -5.57 -25.82 1.37
C THR A 19 -6.63 -26.75 1.96
N THR A 20 -6.26 -27.42 3.05
CA THR A 20 -7.18 -28.34 3.73
C THR A 20 -8.53 -27.66 4.01
N LEU A 21 -8.57 -26.34 3.83
CA LEU A 21 -9.80 -25.58 4.05
C LEU A 21 -10.80 -26.05 3.00
N LEU A 22 -10.37 -26.05 1.74
CA LEU A 22 -11.22 -26.52 0.66
C LEU A 22 -11.07 -28.04 0.52
N ASP A 23 -9.94 -28.57 0.96
CA ASP A 23 -9.70 -30.01 0.90
C ASP A 23 -10.67 -30.78 1.80
N HIS A 24 -11.08 -30.17 2.92
CA HIS A 24 -12.03 -30.80 3.84
C HIS A 24 -13.42 -30.27 3.55
N ILE A 25 -13.47 -29.14 2.83
CA ILE A 25 -14.73 -28.52 2.43
C ILE A 25 -15.21 -29.29 1.20
N ARG A 26 -14.25 -29.70 0.37
CA ARG A 26 -14.53 -30.47 -0.84
C ARG A 26 -15.08 -31.83 -0.41
N GLY A 27 -14.59 -32.33 0.71
CA GLY A 27 -15.06 -33.60 1.24
C GLY A 27 -16.44 -33.36 1.83
N SER A 28 -16.68 -32.14 2.29
CA SER A 28 -17.97 -31.77 2.88
C SER A 28 -19.07 -32.16 1.91
N ALA A 29 -18.96 -31.68 0.67
CA ALA A 29 -19.93 -31.95 -0.39
C ALA A 29 -19.83 -33.37 -0.96
N VAL A 30 -18.62 -33.78 -1.35
CA VAL A 30 -18.39 -35.11 -1.91
C VAL A 30 -18.99 -36.16 -0.96
N ALA A 31 -18.97 -35.85 0.34
CA ALA A 31 -19.54 -36.74 1.35
C ALA A 31 -21.04 -36.41 1.34
N SER A 32 -21.60 -36.43 0.14
CA SER A 32 -23.01 -36.13 -0.10
C SER A 32 -23.95 -37.12 0.59
N GLN A 40 -17.19 -30.04 -11.23
CA GLN A 40 -15.74 -29.82 -10.94
C GLN A 40 -15.22 -28.65 -11.76
N HIS A 41 -14.32 -27.87 -11.17
CA HIS A 41 -13.76 -26.70 -11.87
C HIS A 41 -12.24 -26.67 -11.81
N ILE A 42 -11.61 -26.12 -12.86
CA ILE A 42 -10.17 -25.99 -12.90
C ILE A 42 -9.81 -24.78 -12.05
N GLY A 43 -9.01 -24.99 -11.01
CA GLY A 43 -8.59 -23.89 -10.15
C GLY A 43 -9.67 -23.36 -9.23
N ALA A 44 -10.80 -24.06 -9.15
CA ALA A 44 -11.88 -23.62 -8.27
C ALA A 44 -12.78 -24.76 -7.82
N THR A 45 -13.46 -24.54 -6.71
CA THR A 45 -14.39 -25.52 -6.16
C THR A 45 -15.70 -24.80 -5.96
N GLU A 46 -16.81 -25.42 -6.37
CA GLU A 46 -18.10 -24.80 -6.20
C GLU A 46 -18.94 -25.61 -5.23
N ILE A 47 -19.41 -24.97 -4.15
CA ILE A 47 -20.26 -25.67 -3.20
C ILE A 47 -21.68 -25.21 -3.46
N PRO A 48 -22.55 -26.13 -3.96
CA PRO A 48 -23.95 -25.85 -4.28
C PRO A 48 -24.69 -25.35 -3.04
N MSE A 49 -25.70 -24.51 -3.24
CA MSE A 49 -26.44 -23.96 -2.12
C MSE A 49 -27.06 -25.00 -1.19
O MSE A 49 -27.07 -24.82 0.04
CB MSE A 49 -27.53 -23.02 -2.61
CG MSE A 49 -28.20 -22.24 -1.49
SE MSE A 49 -26.99 -21.19 -0.58
CE MSE A 49 -26.88 -19.78 -1.61
N ASP A 50 -27.58 -26.07 -1.77
CA ASP A 50 -28.20 -27.12 -0.97
C ASP A 50 -27.17 -27.76 -0.05
N VAL A 51 -25.95 -27.90 -0.53
CA VAL A 51 -24.89 -28.47 0.30
C VAL A 51 -24.59 -27.52 1.46
N ILE A 52 -24.48 -26.23 1.15
CA ILE A 52 -24.21 -25.23 2.17
C ILE A 52 -25.27 -25.31 3.25
N GLU A 53 -26.54 -25.41 2.83
CA GLU A 53 -27.64 -25.50 3.78
C GLU A 53 -27.59 -26.79 4.57
N GLY A 54 -27.07 -27.85 3.96
CA GLY A 54 -26.95 -29.11 4.68
C GLY A 54 -25.92 -29.00 5.78
N ILE A 55 -24.84 -28.27 5.50
CA ILE A 55 -23.78 -28.06 6.50
C ILE A 55 -24.22 -27.04 7.55
N CYS A 56 -24.87 -25.97 7.09
CA CYS A 56 -25.34 -24.92 7.98
C CYS A 56 -26.77 -25.26 8.41
N GLY A 57 -26.96 -25.52 9.69
CA GLY A 57 -28.30 -25.85 10.14
C GLY A 57 -29.28 -24.70 9.92
N ASP A 58 -30.01 -24.38 10.98
CA ASP A 58 -30.99 -23.31 10.87
C ASP A 58 -30.31 -21.95 11.03
N PHE A 59 -28.98 -21.96 11.14
CA PHE A 59 -28.27 -20.69 11.29
C PHE A 59 -28.41 -19.85 10.02
N LEU A 60 -28.51 -20.52 8.88
CA LEU A 60 -28.64 -19.87 7.57
C LEU A 60 -30.03 -19.28 7.35
N LYS A 61 -31.05 -19.89 7.94
CA LYS A 61 -32.43 -19.46 7.76
C LYS A 61 -32.74 -18.00 8.02
N LYS A 62 -31.73 -17.23 8.43
CA LYS A 62 -31.96 -15.81 8.67
C LYS A 62 -31.50 -14.96 7.47
N PHE A 63 -30.82 -15.59 6.51
CA PHE A 63 -30.34 -14.90 5.32
C PHE A 63 -31.17 -15.23 4.09
N SER A 64 -31.97 -14.26 3.64
CA SER A 64 -32.83 -14.49 2.50
C SER A 64 -32.14 -14.64 1.12
N ILE A 65 -30.86 -14.28 0.98
CA ILE A 65 -30.20 -14.45 -0.33
C ILE A 65 -29.96 -15.92 -0.64
N ARG A 66 -30.09 -16.80 0.34
CA ARG A 66 -29.84 -18.22 0.12
C ARG A 66 -30.82 -18.81 -0.88
N GLU A 67 -31.99 -18.21 -0.98
CA GLU A 67 -33.00 -18.73 -1.89
C GLU A 67 -32.74 -18.33 -3.34
N THR A 68 -31.74 -17.48 -3.58
CA THR A 68 -31.49 -17.03 -4.93
C THR A 68 -30.09 -17.30 -5.46
N LEU A 69 -29.20 -17.88 -4.64
CA LEU A 69 -27.85 -18.14 -5.09
C LEU A 69 -27.62 -19.61 -5.38
N PRO A 70 -26.83 -19.92 -6.43
CA PRO A 70 -26.48 -21.27 -6.88
C PRO A 70 -25.62 -21.94 -5.81
N GLY A 71 -24.87 -21.12 -5.10
CA GLY A 71 -23.98 -21.61 -4.06
C GLY A 71 -22.82 -20.64 -3.90
N LEU A 72 -21.62 -21.17 -3.67
CA LEU A 72 -20.45 -20.33 -3.52
C LEU A 72 -19.33 -20.90 -4.36
N PHE A 73 -18.66 -20.01 -5.11
CA PHE A 73 -17.56 -20.37 -5.99
C PHE A 73 -16.23 -20.02 -5.33
N PHE A 74 -15.51 -21.00 -4.79
CA PHE A 74 -14.23 -20.71 -4.11
C PHE A 74 -13.02 -20.82 -5.03
N ILE A 75 -12.19 -19.80 -5.07
CA ILE A 75 -11.03 -19.86 -5.93
C ILE A 75 -9.94 -20.67 -5.21
N ASP A 76 -9.42 -21.67 -5.91
CA ASP A 76 -8.37 -22.56 -5.37
C ASP A 76 -6.99 -21.89 -5.46
N THR A 77 -6.92 -20.58 -5.17
CA THR A 77 -5.66 -19.84 -5.27
C THR A 77 -5.26 -19.05 -4.02
N PRO A 78 -4.87 -19.74 -2.93
CA PRO A 78 -4.50 -19.01 -1.70
C PRO A 78 -3.40 -17.95 -1.89
N GLY A 79 -3.48 -16.87 -1.10
CA GLY A 79 -2.49 -15.81 -1.17
C GLY A 79 -2.08 -15.32 0.21
N ALA A 82 -3.26 -15.77 -6.10
CA ALA A 82 -2.60 -14.49 -5.74
C ALA A 82 -3.61 -13.42 -5.35
N PHE A 83 -4.88 -13.67 -5.66
CA PHE A 83 -5.95 -12.69 -5.41
C PHE A 83 -5.65 -11.42 -6.21
N THR A 84 -4.37 -11.07 -6.28
CA THR A 84 -3.93 -9.89 -7.01
C THR A 84 -4.07 -10.25 -8.49
N THR A 85 -3.86 -11.52 -8.82
CA THR A 85 -4.01 -11.99 -10.19
C THR A 85 -5.49 -12.20 -10.51
N LEU A 86 -6.30 -12.47 -9.49
CA LEU A 86 -7.73 -12.61 -9.69
C LEU A 86 -8.27 -11.18 -9.70
N ARG A 87 -8.33 -10.60 -10.89
CA ARG A 87 -8.76 -9.21 -11.01
C ARG A 87 -9.56 -8.93 -12.27
N LYS A 88 -10.48 -7.97 -12.20
CA LYS A 88 -11.21 -7.61 -13.40
C LYS A 88 -10.99 -6.12 -13.54
N ARG A 89 -11.61 -5.49 -14.52
CA ARG A 89 -11.41 -4.06 -14.68
C ARG A 89 -11.79 -3.43 -13.34
N GLY A 90 -10.93 -2.56 -12.82
CA GLY A 90 -11.21 -1.89 -11.55
C GLY A 90 -10.66 -2.53 -10.28
N GLY A 91 -10.40 -3.83 -10.28
CA GLY A 91 -9.87 -4.42 -9.05
C GLY A 91 -9.98 -5.92 -8.90
N ALA A 92 -10.57 -6.34 -7.78
CA ALA A 92 -10.72 -7.75 -7.45
C ALA A 92 -11.88 -8.44 -8.17
N LEU A 93 -11.64 -9.68 -8.58
CA LEU A 93 -12.68 -10.47 -9.24
C LEU A 93 -13.46 -11.16 -8.11
N ALA A 94 -12.84 -11.29 -6.95
CA ALA A 94 -13.52 -11.91 -5.82
C ALA A 94 -14.55 -10.94 -5.26
N ASP A 95 -15.73 -11.48 -4.96
CA ASP A 95 -16.83 -10.73 -4.37
C ASP A 95 -16.70 -10.74 -2.85
N LEU A 96 -16.14 -11.83 -2.32
CA LEU A 96 -15.98 -12.05 -0.89
C LEU A 96 -14.61 -12.68 -0.61
N ALA A 97 -14.21 -12.76 0.66
CA ALA A 97 -12.92 -13.37 0.98
C ALA A 97 -12.78 -13.82 2.43
N ILE A 98 -12.00 -14.89 2.60
CA ILE A 98 -11.70 -15.43 3.90
C ILE A 98 -10.23 -15.09 4.11
N LEU A 99 -9.89 -14.56 5.29
CA LEU A 99 -8.49 -14.28 5.61
C LEU A 99 -8.20 -15.37 6.65
N ILE A 100 -7.30 -16.29 6.33
CA ILE A 100 -6.95 -17.39 7.26
C ILE A 100 -5.80 -16.97 8.16
N VAL A 101 -6.03 -17.03 9.48
CA VAL A 101 -4.96 -16.69 10.45
C VAL A 101 -4.82 -17.90 11.37
N ASP A 102 -3.62 -18.16 11.85
CA ASP A 102 -3.41 -19.29 12.77
C ASP A 102 -3.74 -18.69 14.13
N ILE A 103 -4.69 -19.28 14.84
CA ILE A 103 -5.07 -18.69 16.12
C ILE A 103 -4.03 -18.83 17.24
N ASN A 104 -3.07 -19.75 17.08
CA ASN A 104 -2.03 -19.97 18.07
C ASN A 104 -0.81 -19.11 17.78
N GLU A 105 -0.46 -19.04 16.49
CA GLU A 105 0.68 -18.23 16.07
C GLU A 105 0.29 -16.74 16.02
N GLY A 106 -1.01 -16.48 15.95
CA GLY A 106 -1.44 -15.09 15.87
C GLY A 106 -0.99 -14.49 14.56
N PHE A 107 -1.07 -13.16 14.45
CA PHE A 107 -0.69 -12.43 13.25
C PHE A 107 0.70 -12.75 12.73
N LYS A 108 0.98 -12.24 11.53
CA LYS A 108 2.26 -12.44 10.85
C LYS A 108 2.41 -11.35 9.76
N PRO A 109 3.44 -11.47 8.89
CA PRO A 109 3.59 -10.44 7.85
C PRO A 109 2.61 -10.62 6.70
N GLN A 110 2.55 -11.83 6.15
CA GLN A 110 1.63 -12.12 5.03
C GLN A 110 0.17 -11.82 5.38
N THR A 111 -0.11 -11.65 6.66
CA THR A 111 -1.47 -11.34 7.12
C THR A 111 -1.74 -9.83 6.99
N GLN A 112 -0.70 -9.03 7.17
CA GLN A 112 -0.85 -7.60 7.06
C GLN A 112 -0.88 -7.23 5.58
N GLU A 113 -0.14 -8.01 4.79
CA GLU A 113 -0.06 -7.82 3.34
C GLU A 113 -1.45 -8.10 2.75
N ALA A 114 -2.09 -9.16 3.24
CA ALA A 114 -3.42 -9.57 2.80
C ALA A 114 -4.50 -8.56 3.23
N LEU A 115 -4.44 -8.13 4.49
CA LEU A 115 -5.37 -7.16 5.05
C LEU A 115 -5.28 -5.88 4.24
N ASN A 116 -4.05 -5.44 4.03
CA ASN A 116 -3.77 -4.24 3.27
C ASN A 116 -4.46 -4.30 1.93
N ILE A 117 -4.29 -5.42 1.25
CA ILE A 117 -4.88 -5.65 -0.05
C ILE A 117 -6.41 -5.74 0.01
N LEU A 118 -6.93 -6.36 1.07
CA LEU A 118 -8.37 -6.51 1.22
C LEU A 118 -9.11 -5.18 1.43
N ARG A 119 -8.54 -4.29 2.23
CA ARG A 119 -9.19 -3.01 2.46
C ARG A 119 -9.03 -2.13 1.24
N MSE A 120 -7.84 -2.20 0.64
CA MSE A 120 -7.52 -1.43 -0.56
C MSE A 120 -8.55 -1.70 -1.67
O MSE A 120 -9.06 -0.77 -2.31
CB MSE A 120 -6.13 -1.82 -1.04
CG MSE A 120 -5.49 -0.88 -2.04
SE MSE A 120 -4.19 -1.79 -2.95
CE MSE A 120 -3.50 -2.89 -1.59
N TYR A 121 -8.85 -2.97 -1.90
CA TYR A 121 -9.81 -3.33 -2.93
C TYR A 121 -11.23 -3.28 -2.38
N ARG A 122 -11.37 -3.01 -1.09
CA ARG A 122 -12.69 -2.92 -0.46
C ARG A 122 -13.53 -4.20 -0.49
N THR A 123 -12.89 -5.35 -0.52
CA THR A 123 -13.61 -6.60 -0.55
C THR A 123 -14.05 -7.09 0.83
N PRO A 124 -15.36 -7.33 1.01
CA PRO A 124 -15.91 -7.80 2.29
C PRO A 124 -15.20 -9.10 2.66
N PHE A 125 -14.81 -9.27 3.91
CA PHE A 125 -14.14 -10.50 4.29
C PHE A 125 -14.41 -10.89 5.74
N VAL A 126 -14.07 -12.14 6.03
CA VAL A 126 -14.28 -12.73 7.32
C VAL A 126 -12.91 -13.32 7.69
N VAL A 127 -12.63 -13.49 8.98
CA VAL A 127 -11.35 -14.09 9.38
C VAL A 127 -11.63 -15.44 9.97
N ALA A 128 -10.92 -16.46 9.46
CA ALA A 128 -11.08 -17.83 9.97
C ALA A 128 -9.86 -18.04 10.88
N ALA A 129 -10.09 -18.11 12.20
CA ALA A 129 -8.99 -18.31 13.15
C ALA A 129 -8.83 -19.81 13.22
N ASN A 130 -7.94 -20.30 12.37
CA ASN A 130 -7.65 -21.72 12.17
C ASN A 130 -6.82 -22.37 13.26
N LYS A 131 -6.85 -23.70 13.27
CA LYS A 131 -6.10 -24.54 14.19
C LYS A 131 -6.48 -24.51 15.65
N ILE A 132 -7.78 -24.47 15.93
CA ILE A 132 -8.25 -24.43 17.30
C ILE A 132 -8.02 -25.78 17.95
N ASP A 133 -7.92 -26.82 17.12
CA ASP A 133 -7.70 -28.18 17.61
C ASP A 133 -6.33 -28.32 18.26
N ARG A 134 -5.45 -27.37 17.98
CA ARG A 134 -4.09 -27.41 18.52
C ARG A 134 -3.94 -26.72 19.86
N ILE A 135 -5.02 -26.18 20.40
CA ILE A 135 -4.94 -25.49 21.69
C ILE A 135 -4.89 -26.56 22.77
N HIS A 136 -3.95 -26.38 23.69
CA HIS A 136 -3.74 -27.32 24.80
C HIS A 136 -5.03 -27.70 25.51
N GLY A 137 -5.31 -29.00 25.51
CA GLY A 137 -6.50 -29.51 26.19
C GLY A 137 -7.74 -29.57 25.32
N TRP A 138 -7.62 -29.13 24.08
CA TRP A 138 -8.78 -29.14 23.19
C TRP A 138 -9.12 -30.56 22.82
N ARG A 139 -10.42 -30.90 22.81
CA ARG A 139 -10.88 -32.22 22.42
C ARG A 139 -11.71 -32.08 21.16
N VAL A 140 -11.24 -32.66 20.07
CA VAL A 140 -11.93 -32.55 18.80
C VAL A 140 -13.33 -33.17 18.79
N HIS A 141 -14.22 -32.56 18.01
CA HIS A 141 -15.59 -33.03 17.86
C HIS A 141 -15.93 -32.93 16.38
N GLU A 142 -15.19 -33.70 15.59
CA GLU A 142 -15.30 -33.77 14.13
C GLU A 142 -16.49 -33.10 13.48
N GLY A 143 -16.19 -32.18 12.56
CA GLY A 143 -17.21 -31.46 11.81
C GLY A 143 -18.37 -30.75 12.50
N ARG A 144 -18.27 -30.46 13.79
CA ARG A 144 -19.36 -29.79 14.47
C ARG A 144 -19.26 -28.25 14.43
N PRO A 145 -20.41 -27.56 14.50
CA PRO A 145 -20.40 -26.09 14.47
C PRO A 145 -19.48 -25.63 15.60
N PHE A 146 -18.89 -24.45 15.46
CA PHE A 146 -18.00 -23.96 16.49
C PHE A 146 -18.69 -23.85 17.86
N MSE A 147 -19.87 -23.23 17.90
CA MSE A 147 -20.57 -23.07 19.18
C MSE A 147 -20.77 -24.39 19.93
O MSE A 147 -20.62 -24.46 21.15
CB MSE A 147 -21.92 -22.38 18.96
CG MSE A 147 -21.84 -20.93 18.46
SE MSE A 147 -20.81 -19.77 19.49
CE MSE A 147 -21.86 -19.54 20.99
N GLU A 148 -21.13 -25.43 19.19
CA GLU A 148 -21.37 -26.71 19.79
C GLU A 148 -20.08 -27.26 20.39
N THR A 149 -19.03 -27.34 19.57
CA THR A 149 -17.75 -27.85 20.04
C THR A 149 -17.10 -27.02 21.14
N PHE A 150 -17.26 -25.71 21.05
CA PHE A 150 -16.69 -24.81 22.04
C PHE A 150 -17.31 -25.04 23.41
N SER A 151 -18.62 -25.23 23.45
CA SER A 151 -19.31 -25.43 24.71
C SER A 151 -19.02 -26.76 25.39
N LYS A 152 -18.39 -27.70 24.69
CA LYS A 152 -18.05 -29.00 25.27
C LYS A 152 -16.62 -29.04 25.82
N GLN A 153 -15.88 -27.94 25.63
CA GLN A 153 -14.50 -27.81 26.08
C GLN A 153 -14.41 -27.41 27.56
N ASP A 154 -13.25 -27.64 28.20
CA ASP A 154 -13.14 -27.30 29.61
C ASP A 154 -13.17 -25.79 29.79
N ILE A 155 -13.65 -25.34 30.94
CA ILE A 155 -13.72 -23.92 31.13
C ILE A 155 -12.39 -23.23 30.85
N GLN A 156 -11.27 -23.82 31.29
CA GLN A 156 -9.98 -23.17 31.03
C GLN A 156 -9.56 -23.24 29.57
N VAL A 157 -10.07 -24.23 28.84
CA VAL A 157 -9.72 -24.36 27.41
C VAL A 157 -10.52 -23.30 26.64
N GLN A 158 -11.75 -23.04 27.07
CA GLN A 158 -12.58 -22.03 26.44
C GLN A 158 -11.90 -20.68 26.63
N GLN A 159 -11.40 -20.46 27.84
CA GLN A 159 -10.74 -19.21 28.19
C GLN A 159 -9.49 -18.99 27.36
N LYS A 160 -8.76 -20.08 27.11
CA LYS A 160 -7.55 -19.93 26.33
C LYS A 160 -7.86 -19.59 24.87
N LEU A 161 -8.96 -20.10 24.33
CA LEU A 161 -9.29 -19.76 22.95
C LEU A 161 -9.70 -18.27 22.90
N ASP A 162 -10.48 -17.80 23.87
CA ASP A 162 -10.91 -16.40 23.86
C ASP A 162 -9.74 -15.48 24.02
N THR A 163 -8.74 -15.93 24.78
CA THR A 163 -7.56 -15.11 24.96
C THR A 163 -6.85 -14.92 23.62
N LYS A 164 -6.69 -16.00 22.87
CA LYS A 164 -6.00 -15.91 21.57
C LYS A 164 -6.80 -15.11 20.56
N VAL A 165 -8.11 -15.25 20.62
CA VAL A 165 -9.00 -14.50 19.75
C VAL A 165 -8.82 -13.01 20.06
N TYR A 166 -8.91 -12.62 21.33
CA TYR A 166 -8.75 -11.23 21.70
C TYR A 166 -7.36 -10.62 21.39
N GLU A 167 -6.37 -11.48 21.22
CA GLU A 167 -5.02 -11.03 20.85
C GLU A 167 -5.10 -10.65 19.37
N LEU A 168 -5.95 -11.37 18.63
CA LEU A 168 -6.14 -11.12 17.21
C LEU A 168 -6.95 -9.81 17.08
N VAL A 169 -8.01 -9.69 17.86
CA VAL A 169 -8.84 -8.50 17.85
C VAL A 169 -7.90 -7.31 18.08
N GLY A 170 -6.90 -7.50 18.94
CA GLY A 170 -5.97 -6.43 19.24
C GLY A 170 -5.14 -6.03 18.04
N LYS A 171 -4.49 -6.99 17.41
CA LYS A 171 -3.67 -6.69 16.24
C LYS A 171 -4.50 -6.02 15.14
N LEU A 172 -5.71 -6.52 14.92
CA LEU A 172 -6.59 -5.96 13.90
C LEU A 172 -6.88 -4.49 14.21
N HIS A 173 -6.99 -4.17 15.49
CA HIS A 173 -7.25 -2.81 15.94
C HIS A 173 -6.08 -1.89 15.62
N GLU A 174 -4.87 -2.39 15.83
CA GLU A 174 -3.67 -1.61 15.54
C GLU A 174 -3.69 -1.32 14.06
N GLU A 175 -4.23 -2.27 13.29
CA GLU A 175 -4.29 -2.16 11.83
C GLU A 175 -5.50 -1.41 11.29
N GLY A 176 -6.37 -0.93 12.18
CA GLY A 176 -7.50 -0.15 11.71
C GLY A 176 -8.82 -0.88 11.51
N PHE A 177 -8.89 -2.14 11.95
CA PHE A 177 -10.13 -2.90 11.81
C PHE A 177 -10.66 -3.24 13.19
N GLU A 178 -11.92 -2.92 13.44
CA GLU A 178 -12.51 -3.28 14.71
C GLU A 178 -12.99 -4.66 14.34
N SER A 179 -13.13 -5.53 15.32
CA SER A 179 -13.55 -6.89 15.03
C SER A 179 -13.88 -7.62 16.31
N GLU A 180 -14.47 -8.79 16.16
CA GLU A 180 -14.83 -9.56 17.31
C GLU A 180 -15.12 -11.00 16.87
N ARG A 181 -15.28 -11.90 17.82
CA ARG A 181 -15.62 -13.28 17.50
C ARG A 181 -17.02 -13.07 16.86
N PHE A 182 -17.32 -13.84 15.82
CA PHE A 182 -18.56 -13.66 15.08
C PHE A 182 -19.83 -13.50 15.87
N ASP A 183 -19.99 -14.35 16.91
CA ASP A 183 -21.18 -14.33 17.75
C ASP A 183 -21.21 -13.16 18.71
N ARG A 184 -20.22 -12.27 18.64
CA ARG A 184 -20.21 -11.13 19.56
C ARG A 184 -20.13 -9.84 18.85
N VAL A 185 -20.14 -9.94 17.53
CA VAL A 185 -20.08 -8.79 16.70
C VAL A 185 -21.35 -7.99 16.93
N THR A 186 -21.18 -6.68 16.91
CA THR A 186 -22.21 -5.67 17.06
C THR A 186 -22.04 -4.95 15.72
N ASP A 187 -23.08 -4.55 15.02
CA ASP A 187 -22.80 -3.90 13.71
C ASP A 187 -21.89 -4.73 12.79
N PHE A 188 -22.52 -5.60 12.02
CA PHE A 188 -21.84 -6.51 11.09
C PHE A 188 -21.12 -5.79 9.91
N ALA A 189 -21.57 -4.59 9.57
CA ALA A 189 -20.98 -3.84 8.46
C ALA A 189 -19.59 -3.28 8.69
N SER A 190 -19.23 -2.97 9.93
CA SER A 190 -17.88 -2.43 10.13
C SER A 190 -16.93 -3.31 10.93
N GLN A 191 -17.44 -4.26 11.70
CA GLN A 191 -16.50 -5.10 12.45
C GLN A 191 -16.24 -6.35 11.68
N VAL A 192 -14.98 -6.75 11.63
CA VAL A 192 -14.65 -7.99 10.97
C VAL A 192 -15.12 -9.07 11.93
N SER A 193 -15.74 -10.13 11.40
CA SER A 193 -16.23 -11.26 12.19
C SER A 193 -15.13 -12.34 12.16
N ILE A 194 -14.76 -12.84 13.34
CA ILE A 194 -13.72 -13.86 13.49
C ILE A 194 -14.36 -15.19 13.82
N ILE A 195 -14.16 -16.19 12.97
CA ILE A 195 -14.76 -17.50 13.25
C ILE A 195 -13.65 -18.50 13.57
N PRO A 196 -13.59 -18.98 14.83
CA PRO A 196 -12.52 -19.93 15.13
C PRO A 196 -12.82 -21.24 14.43
N ILE A 197 -11.80 -21.79 13.76
CA ILE A 197 -12.02 -23.06 13.08
C ILE A 197 -10.81 -23.98 13.14
N SER A 198 -11.02 -25.15 12.54
CA SER A 198 -9.97 -26.16 12.38
C SER A 198 -10.26 -26.71 11.00
N ALA A 199 -9.35 -26.50 10.05
CA ALA A 199 -9.58 -27.00 8.70
C ALA A 199 -9.53 -28.52 8.71
N ILE A 200 -8.47 -29.05 9.31
CA ILE A 200 -8.25 -30.50 9.42
C ILE A 200 -9.50 -31.21 9.94
N THR A 201 -10.12 -30.61 10.95
CA THR A 201 -11.35 -31.11 11.57
C THR A 201 -12.43 -30.28 10.88
N GLY A 202 -13.70 -30.65 10.98
CA GLY A 202 -14.69 -29.80 10.34
C GLY A 202 -15.22 -28.79 11.36
N GLU A 203 -14.49 -28.59 12.45
CA GLU A 203 -14.96 -27.68 13.49
C GLU A 203 -15.01 -26.22 13.13
N GLY A 204 -16.21 -25.65 13.25
CA GLY A 204 -16.41 -24.25 12.95
C GLY A 204 -16.71 -23.94 11.50
N ILE A 205 -16.48 -24.88 10.59
CA ILE A 205 -16.75 -24.59 9.17
C ILE A 205 -18.17 -24.11 8.89
N PRO A 206 -19.18 -24.66 9.58
CA PRO A 206 -20.58 -24.26 9.38
C PRO A 206 -20.78 -22.75 9.55
N GLU A 207 -20.20 -22.18 10.62
CA GLU A 207 -20.33 -20.75 10.89
C GLU A 207 -19.48 -19.95 9.93
N LEU A 208 -18.40 -20.55 9.47
CA LEU A 208 -17.52 -19.89 8.54
C LEU A 208 -18.34 -19.63 7.28
N LEU A 209 -19.10 -20.64 6.87
CA LEU A 209 -19.92 -20.51 5.66
C LEU A 209 -21.12 -19.62 5.91
N THR A 210 -21.67 -19.68 7.12
CA THR A 210 -22.82 -18.89 7.46
C THR A 210 -22.44 -17.40 7.45
N MSE A 211 -21.23 -17.07 7.90
CA MSE A 211 -20.82 -15.67 7.91
C MSE A 211 -20.54 -15.20 6.47
O MSE A 211 -20.68 -14.01 6.16
CB MSE A 211 -19.62 -15.49 8.84
CG MSE A 211 -19.96 -15.69 10.34
SE MSE A 211 -21.22 -14.51 11.03
CE MSE A 211 -22.69 -15.51 11.06
N LEU A 212 -20.16 -16.13 5.59
CA LEU A 212 -19.96 -15.79 4.18
C LEU A 212 -21.34 -15.50 3.60
N MSE A 213 -22.30 -16.36 3.88
CA MSE A 213 -23.64 -16.09 3.37
C MSE A 213 -24.06 -14.81 4.02
O MSE A 213 -24.88 -14.06 3.47
CB MSE A 213 -24.63 -17.22 3.72
CG MSE A 213 -24.40 -18.48 2.87
SE MSE A 213 -24.66 -18.11 1.07
CE MSE A 213 -26.45 -17.71 1.10
N GLY A 214 -23.49 -14.54 5.20
CA GLY A 214 -23.80 -13.33 5.93
C GLY A 214 -23.31 -12.10 5.19
N LEU A 215 -22.09 -12.16 4.69
CA LEU A 215 -21.56 -11.05 3.90
C LEU A 215 -22.34 -10.93 2.56
N ALA A 216 -22.73 -12.06 1.97
CA ALA A 216 -23.47 -11.98 0.69
C ALA A 216 -24.76 -11.19 0.90
N GLN A 217 -25.45 -11.51 1.99
CA GLN A 217 -26.71 -10.84 2.36
C GLN A 217 -26.53 -9.34 2.54
N GLN A 218 -25.42 -8.96 3.17
CA GLN A 218 -25.13 -7.56 3.44
C GLN A 218 -24.63 -6.72 2.25
N TYR A 219 -23.81 -7.28 1.37
CA TYR A 219 -23.24 -6.49 0.29
C TYR A 219 -23.50 -6.90 -1.17
N LEU A 220 -23.92 -8.14 -1.42
CA LEU A 220 -24.04 -8.57 -2.82
C LEU A 220 -25.40 -8.55 -3.54
N ARG A 221 -25.51 -7.69 -4.54
CA ARG A 221 -26.74 -7.60 -5.32
C ARG A 221 -26.40 -7.58 -6.80
N GLU A 222 -26.46 -6.41 -7.40
CA GLU A 222 -26.19 -6.25 -8.83
C GLU A 222 -24.84 -6.82 -9.31
N GLN A 223 -23.88 -7.00 -8.40
CA GLN A 223 -22.58 -7.55 -8.77
C GLN A 223 -22.69 -8.98 -9.26
N LEU A 224 -23.73 -9.69 -8.81
CA LEU A 224 -23.90 -11.11 -9.16
C LEU A 224 -24.74 -11.37 -10.41
N LYS A 225 -25.32 -10.31 -10.94
CA LYS A 225 -26.18 -10.44 -12.11
C LYS A 225 -25.37 -10.69 -13.37
N ILE A 226 -25.63 -11.79 -14.06
CA ILE A 226 -24.92 -12.06 -15.30
C ILE A 226 -25.90 -12.28 -16.44
N GLU A 227 -25.41 -12.12 -17.66
CA GLU A 227 -26.22 -12.34 -18.86
C GLU A 227 -25.60 -13.61 -19.40
N GLU A 228 -26.21 -14.74 -19.06
CA GLU A 228 -25.71 -16.07 -19.44
C GLU A 228 -25.62 -16.39 -20.93
N ASP A 229 -25.99 -15.44 -21.79
CA ASP A 229 -25.91 -15.66 -23.23
C ASP A 229 -24.92 -14.70 -23.87
N SER A 230 -24.48 -13.70 -23.12
CA SER A 230 -23.55 -12.73 -23.64
C SER A 230 -22.17 -13.32 -23.87
N PRO A 231 -21.35 -12.69 -24.72
CA PRO A 231 -20.00 -13.24 -24.95
C PRO A 231 -19.27 -13.24 -23.59
N ALA A 232 -18.68 -14.38 -23.23
CA ALA A 232 -17.98 -14.54 -21.96
C ALA A 232 -16.93 -13.51 -21.59
N ARG A 233 -16.98 -13.09 -20.32
CA ARG A 233 -16.05 -12.13 -19.72
C ARG A 233 -15.27 -12.91 -18.65
N GLY A 234 -13.95 -13.05 -18.82
CA GLY A 234 -13.19 -13.77 -17.83
C GLY A 234 -11.82 -13.16 -17.56
N THR A 235 -11.04 -13.86 -16.74
CA THR A 235 -9.70 -13.44 -16.38
C THR A 235 -8.81 -14.66 -16.33
N ILE A 236 -7.65 -14.56 -16.94
CA ILE A 236 -6.65 -15.61 -17.01
C ILE A 236 -5.85 -15.65 -15.70
N LEU A 237 -5.81 -16.80 -15.04
CA LEU A 237 -5.04 -16.86 -13.81
C LEU A 237 -3.79 -17.68 -13.95
N GLU A 238 -3.68 -18.44 -15.02
CA GLU A 238 -2.50 -19.27 -15.16
C GLU A 238 -2.26 -19.67 -16.61
N VAL A 239 -1.05 -19.43 -17.07
CA VAL A 239 -0.64 -19.79 -18.41
C VAL A 239 0.44 -20.85 -18.14
N LYS A 240 0.10 -22.11 -18.34
CA LYS A 240 1.06 -23.18 -18.05
C LYS A 240 0.94 -24.38 -18.96
N GLU A 241 2.08 -25.08 -19.11
CA GLU A 241 2.13 -26.26 -19.93
C GLU A 241 1.38 -27.43 -19.29
N GLU A 242 1.04 -28.41 -20.12
CA GLU A 242 0.31 -29.55 -19.62
C GLU A 242 0.68 -30.74 -20.51
N THR A 243 1.03 -31.87 -19.90
CA THR A 243 1.43 -33.03 -20.66
C THR A 243 0.40 -33.43 -21.68
N GLY A 244 0.85 -33.56 -22.94
CA GLY A 244 -0.05 -33.95 -24.02
C GLY A 244 -0.68 -32.75 -24.75
N LEU A 245 -0.89 -31.65 -24.03
CA LEU A 245 -1.52 -30.43 -24.60
C LEU A 245 -0.59 -29.33 -24.19
N GLY A 246 0.31 -28.92 -25.09
CA GLY A 246 1.28 -27.91 -24.75
C GLY A 246 0.84 -26.80 -23.83
N MSE A 247 1.03 -25.57 -24.25
CA MSE A 247 0.66 -24.45 -23.41
C MSE A 247 -0.87 -24.42 -23.29
O MSE A 247 -1.59 -24.70 -24.26
CB MSE A 247 1.19 -23.14 -24.02
CG MSE A 247 1.35 -21.97 -23.06
SE MSE A 247 2.42 -22.26 -21.57
CE MSE A 247 4.00 -22.30 -22.38
N THR A 248 -1.37 -24.14 -22.09
CA THR A 248 -2.81 -24.06 -21.88
C THR A 248 -3.11 -22.83 -21.01
N ILE A 249 -4.38 -22.52 -20.84
CA ILE A 249 -4.73 -21.35 -20.03
C ILE A 249 -5.80 -21.78 -19.04
N ASP A 250 -5.69 -21.33 -17.80
CA ASP A 250 -6.72 -21.66 -16.82
C ASP A 250 -7.39 -20.31 -16.62
N ALA A 251 -8.72 -20.27 -16.69
CA ALA A 251 -9.38 -18.98 -16.53
C ALA A 251 -10.61 -19.15 -15.69
N VAL A 252 -11.13 -18.04 -15.20
CA VAL A 252 -12.34 -18.02 -14.40
C VAL A 252 -13.28 -17.15 -15.24
N ILE A 253 -14.51 -17.59 -15.47
CA ILE A 253 -15.45 -16.83 -16.27
C ILE A 253 -16.42 -16.21 -15.28
N TYR A 254 -16.60 -14.89 -15.32
CA TYR A 254 -17.50 -14.27 -14.35
C TYR A 254 -18.78 -13.74 -14.95
N ASP A 255 -18.86 -13.74 -16.27
CA ASP A 255 -20.06 -13.28 -16.95
C ASP A 255 -20.15 -13.96 -18.32
N GLY A 256 -21.36 -14.29 -18.74
CA GLY A 256 -21.55 -14.87 -20.06
C GLY A 256 -21.27 -16.33 -20.29
N ILE A 257 -21.06 -16.66 -21.55
CA ILE A 257 -20.82 -18.04 -21.97
C ILE A 257 -19.62 -18.18 -22.89
N LEU A 258 -18.80 -19.20 -22.65
CA LEU A 258 -17.61 -19.45 -23.46
C LEU A 258 -17.86 -20.77 -24.19
N ARG A 259 -17.64 -20.81 -25.50
CA ARG A 259 -17.88 -22.06 -26.25
C ARG A 259 -16.62 -22.62 -26.92
N LYS A 260 -16.57 -23.94 -27.07
CA LYS A 260 -15.41 -24.59 -27.67
C LYS A 260 -14.93 -23.98 -28.98
N ASP A 261 -15.83 -23.42 -29.77
CA ASP A 261 -15.43 -22.85 -31.07
C ASP A 261 -15.23 -21.33 -31.04
N ASP A 262 -15.21 -20.72 -29.85
CA ASP A 262 -15.03 -19.28 -29.76
C ASP A 262 -13.64 -18.74 -30.05
N THR A 263 -13.60 -17.42 -30.31
CA THR A 263 -12.34 -16.72 -30.55
C THR A 263 -12.26 -15.80 -29.33
N ILE A 264 -11.11 -15.76 -28.68
CA ILE A 264 -10.91 -14.99 -27.44
C ILE A 264 -9.71 -14.09 -27.54
N ALA A 265 -9.81 -12.88 -27.03
CA ALA A 265 -8.68 -11.97 -27.08
C ALA A 265 -8.10 -11.87 -25.67
N MSE A 266 -6.83 -11.54 -25.57
CA MSE A 266 -6.17 -11.43 -24.29
C MSE A 266 -4.94 -10.57 -24.51
O MSE A 266 -4.51 -10.38 -25.65
CB MSE A 266 -5.70 -12.82 -23.79
CG MSE A 266 -6.70 -13.97 -23.89
SE MSE A 266 -5.83 -15.58 -24.14
CE MSE A 266 -5.51 -15.43 -25.91
N MSE A 267 -4.36 -10.08 -23.43
CA MSE A 267 -3.15 -9.29 -23.53
C MSE A 267 -1.93 -10.21 -23.38
O MSE A 267 -1.92 -11.15 -22.59
CB MSE A 267 -3.12 -8.23 -22.44
CG MSE A 267 -2.12 -7.11 -22.69
SE MSE A 267 -2.54 -5.99 -24.10
CE MSE A 267 -4.11 -5.39 -23.56
N THR A 268 -0.91 -9.93 -24.18
CA THR A 268 0.35 -10.64 -24.15
C THR A 268 1.23 -9.59 -23.46
N SER A 269 2.55 -9.75 -23.41
CA SER A 269 3.35 -8.72 -22.78
C SER A 269 3.51 -7.50 -23.71
N LYS A 270 3.38 -7.73 -25.02
CA LYS A 270 3.51 -6.66 -26.02
C LYS A 270 2.22 -6.21 -26.76
N ASP A 271 1.35 -7.15 -27.08
CA ASP A 271 0.14 -6.88 -27.87
C ASP A 271 -1.10 -7.64 -27.47
N VAL A 272 -2.22 -7.19 -28.01
CA VAL A 272 -3.48 -7.86 -27.79
C VAL A 272 -3.50 -8.91 -28.89
N ILE A 273 -3.83 -10.14 -28.54
CA ILE A 273 -3.89 -11.21 -29.55
C ILE A 273 -5.25 -11.85 -29.37
N SER A 274 -5.61 -12.77 -30.27
CA SER A 274 -6.87 -13.55 -30.19
C SER A 274 -6.49 -14.96 -30.66
N THR A 275 -7.29 -15.96 -30.29
CA THR A 275 -7.01 -17.34 -30.69
C THR A 275 -8.33 -18.04 -30.77
N ARG A 276 -8.41 -19.03 -31.64
CA ARG A 276 -9.63 -19.81 -31.78
C ARG A 276 -9.39 -21.03 -30.90
N ILE A 277 -10.27 -21.24 -29.92
CA ILE A 277 -10.17 -22.34 -28.99
C ILE A 277 -10.33 -23.74 -29.57
N ARG A 278 -9.43 -24.64 -29.21
CA ARG A 278 -9.48 -26.02 -29.68
C ARG A 278 -10.27 -26.89 -28.71
N SER A 279 -10.07 -26.66 -27.41
CA SER A 279 -10.74 -27.45 -26.41
C SER A 279 -11.00 -26.71 -25.10
N LEU A 280 -12.09 -27.04 -24.44
CA LEU A 280 -12.41 -26.47 -23.13
C LEU A 280 -12.32 -27.70 -22.22
N LEU A 281 -11.41 -27.67 -21.25
CA LEU A 281 -11.23 -28.81 -20.37
C LEU A 281 -11.56 -28.55 -18.90
N LYS A 282 -12.22 -29.50 -18.25
CA LYS A 282 -12.54 -29.38 -16.83
C LYS A 282 -12.08 -30.67 -16.12
N PRO A 283 -12.08 -30.70 -14.79
CA PRO A 283 -11.63 -31.96 -14.17
C PRO A 283 -12.64 -33.07 -14.45
N ARG A 284 -12.25 -34.33 -14.21
CA ARG A 284 -13.16 -35.46 -14.40
C ARG A 284 -14.15 -35.45 -13.24
N PRO A 285 -15.44 -35.61 -13.53
CA PRO A 285 -16.52 -35.63 -12.54
C PRO A 285 -16.42 -36.66 -11.41
N LEU A 286 -17.57 -36.90 -10.77
CA LEU A 286 -17.69 -37.83 -9.65
C LEU A 286 -18.03 -39.26 -10.10
N LYS A 295 -7.43 -37.62 -17.30
CA LYS A 295 -7.14 -36.48 -16.36
C LYS A 295 -8.15 -35.36 -16.57
N PHE A 296 -8.43 -35.04 -17.82
CA PHE A 296 -9.40 -33.98 -18.06
C PHE A 296 -10.64 -34.51 -18.78
N GLN A 297 -11.70 -33.71 -18.77
CA GLN A 297 -12.97 -34.05 -19.42
C GLN A 297 -13.29 -32.89 -20.36
N LYS A 298 -13.58 -33.16 -21.63
CA LYS A 298 -13.90 -32.11 -22.59
C LYS A 298 -15.33 -31.61 -22.44
N VAL A 299 -15.56 -30.35 -22.76
CA VAL A 299 -16.91 -29.77 -22.69
C VAL A 299 -17.16 -28.80 -23.84
N ASP A 300 -18.41 -28.61 -24.22
CA ASP A 300 -18.75 -27.72 -25.34
C ASP A 300 -18.87 -26.28 -24.98
N GLU A 301 -19.03 -26.01 -23.68
CA GLU A 301 -19.20 -24.64 -23.24
C GLU A 301 -19.18 -24.56 -21.72
N VAL A 302 -19.24 -23.33 -21.25
CA VAL A 302 -19.20 -23.06 -19.83
C VAL A 302 -19.90 -21.72 -19.58
N VAL A 303 -20.70 -21.65 -18.51
CA VAL A 303 -21.42 -20.43 -18.15
C VAL A 303 -20.83 -19.71 -16.92
N ALA A 304 -20.84 -18.38 -16.94
CA ALA A 304 -20.29 -17.57 -15.84
C ALA A 304 -20.57 -18.23 -14.52
N ALA A 305 -19.47 -18.38 -13.79
CA ALA A 305 -19.40 -19.02 -12.51
C ALA A 305 -18.65 -20.28 -12.88
N ALA A 306 -17.60 -20.13 -13.69
CA ALA A 306 -16.81 -21.26 -14.14
C ALA A 306 -15.31 -21.06 -14.13
N GLY A 307 -14.59 -22.14 -13.88
CA GLY A 307 -13.13 -22.12 -13.88
C GLY A 307 -12.81 -23.15 -14.95
N ILE A 308 -12.04 -22.77 -15.95
CA ILE A 308 -11.81 -23.73 -17.03
C ILE A 308 -10.41 -23.67 -17.57
N LYS A 309 -9.97 -24.75 -18.20
CA LYS A 309 -8.64 -24.80 -18.81
C LYS A 309 -8.90 -24.70 -20.31
N ILE A 310 -8.10 -23.91 -20.98
CA ILE A 310 -8.32 -23.71 -22.40
C ILE A 310 -7.14 -24.17 -23.23
N VAL A 311 -7.41 -24.87 -24.32
CA VAL A 311 -6.32 -25.30 -25.17
C VAL A 311 -6.53 -24.52 -26.47
N ALA A 312 -5.53 -23.72 -26.83
CA ALA A 312 -5.56 -22.89 -28.03
C ALA A 312 -4.11 -22.61 -28.41
N PRO A 313 -3.84 -22.42 -29.72
CA PRO A 313 -2.63 -22.14 -30.51
C PRO A 313 -1.53 -21.09 -30.24
N GLY A 314 -1.85 -19.81 -30.32
CA GLY A 314 -0.78 -18.83 -30.16
C GLY A 314 -0.61 -18.19 -28.80
N ILE A 315 -0.87 -18.96 -27.77
CA ILE A 315 -0.72 -18.44 -26.43
C ILE A 315 0.73 -18.77 -26.15
N ASP A 316 1.21 -18.46 -24.95
CA ASP A 316 2.61 -18.73 -24.57
C ASP A 316 3.04 -17.46 -23.89
N ASP A 317 2.94 -16.35 -24.61
CA ASP A 317 3.29 -15.06 -24.03
C ASP A 317 2.10 -14.34 -23.40
N VAL A 318 1.03 -15.07 -23.13
CA VAL A 318 -0.13 -14.47 -22.50
C VAL A 318 0.17 -14.16 -21.02
N MSE A 319 -0.25 -12.97 -20.58
CA MSE A 319 -0.03 -12.49 -19.22
C MSE A 319 -1.04 -12.99 -18.18
O MSE A 319 -2.24 -12.84 -18.36
CB MSE A 319 -0.15 -10.95 -19.16
CG MSE A 319 0.99 -10.13 -19.67
SE MSE A 319 0.78 -8.43 -18.97
CE MSE A 319 -1.01 -8.09 -19.31
N ALA A 320 -0.54 -13.53 -17.06
CA ALA A 320 -1.45 -13.98 -16.01
C ALA A 320 -2.12 -12.69 -15.53
N GLY A 321 -3.42 -12.73 -15.29
CA GLY A 321 -4.12 -11.53 -14.85
C GLY A 321 -4.72 -10.76 -16.01
N SER A 322 -4.46 -11.18 -17.24
CA SER A 322 -5.02 -10.46 -18.37
C SER A 322 -6.51 -10.69 -18.50
N PRO A 323 -7.21 -9.75 -19.11
CA PRO A 323 -8.65 -9.96 -19.27
C PRO A 323 -8.80 -11.05 -20.34
N LEU A 324 -9.96 -11.69 -20.35
CA LEU A 324 -10.28 -12.70 -21.34
C LEU A 324 -11.64 -12.30 -21.93
N ARG A 325 -11.72 -12.17 -23.26
CA ARG A 325 -12.97 -11.76 -23.91
C ARG A 325 -13.27 -12.57 -25.16
N VAL A 326 -14.44 -13.20 -25.26
CA VAL A 326 -14.72 -13.91 -26.51
C VAL A 326 -14.93 -12.74 -27.47
N VAL A 327 -14.43 -12.90 -28.69
CA VAL A 327 -14.50 -11.82 -29.65
C VAL A 327 -15.74 -11.73 -30.50
N THR A 328 -16.32 -10.53 -30.49
CA THR A 328 -17.52 -10.16 -31.24
C THR A 328 -17.01 -9.23 -32.35
N ASP A 329 -16.47 -8.08 -31.90
CA ASP A 329 -15.92 -7.04 -32.76
C ASP A 329 -14.45 -6.91 -32.41
N PRO A 330 -13.56 -7.30 -33.31
CA PRO A 330 -12.11 -7.22 -33.08
C PRO A 330 -11.56 -5.86 -32.70
N GLU A 331 -12.17 -4.80 -33.22
CA GLU A 331 -11.71 -3.46 -32.92
C GLU A 331 -12.16 -3.06 -31.51
N LYS A 332 -13.44 -3.25 -31.21
CA LYS A 332 -13.96 -2.89 -29.90
C LYS A 332 -13.27 -3.71 -28.78
N VAL A 333 -13.22 -5.04 -28.95
CA VAL A 333 -12.57 -5.91 -27.97
C VAL A 333 -11.12 -5.46 -27.79
N ARG A 334 -10.44 -5.25 -28.90
CA ARG A 334 -9.03 -4.85 -28.85
C ARG A 334 -8.75 -3.58 -28.07
N GLU A 335 -9.53 -2.51 -28.29
CA GLU A 335 -9.28 -1.29 -27.56
C GLU A 335 -9.81 -1.40 -26.14
N GLU A 336 -10.89 -2.16 -25.95
CA GLU A 336 -11.41 -2.29 -24.60
C GLU A 336 -10.39 -2.97 -23.71
N ILE A 337 -9.60 -3.87 -24.28
CA ILE A 337 -8.60 -4.58 -23.51
C ILE A 337 -7.39 -3.67 -23.31
N LEU A 338 -7.05 -2.94 -24.36
CA LEU A 338 -5.91 -2.03 -24.34
C LEU A 338 -6.09 -0.96 -23.27
N SER A 339 -7.29 -0.40 -23.17
CA SER A 339 -7.54 0.64 -22.18
C SER A 339 -7.47 0.10 -20.74
N GLU A 340 -7.93 -1.13 -20.54
CA GLU A 340 -7.88 -1.71 -19.20
C GLU A 340 -6.41 -1.78 -18.76
N ILE A 341 -5.55 -2.25 -19.66
CA ILE A 341 -4.14 -2.37 -19.37
C ILE A 341 -3.43 -1.00 -19.33
N GLU A 342 -3.93 -0.04 -20.11
CA GLU A 342 -3.32 1.29 -20.14
C GLU A 342 -3.25 1.87 -18.72
N ASP A 343 -4.30 1.62 -17.93
CA ASP A 343 -4.36 2.12 -16.56
C ASP A 343 -3.31 1.52 -15.60
N ILE A 344 -2.82 0.32 -15.89
CA ILE A 344 -1.84 -0.32 -15.03
C ILE A 344 -0.39 -0.18 -15.52
N LYS A 345 -0.20 0.48 -16.66
CA LYS A 345 1.14 0.63 -17.23
C LYS A 345 1.78 2.00 -16.98
N ILE A 346 1.28 3.00 -17.69
CA ILE A 346 1.82 4.35 -17.56
C ILE A 346 3.27 4.41 -17.99
N ASP A 347 3.55 5.22 -19.01
CA ASP A 347 4.90 5.40 -19.50
C ASP A 347 5.04 6.86 -19.90
N THR A 348 4.36 7.74 -19.17
CA THR A 348 4.40 9.17 -19.45
C THR A 348 5.79 9.76 -19.30
N ASP A 349 5.84 11.10 -19.31
CA ASP A 349 7.10 11.84 -19.18
C ASP A 349 7.12 12.63 -17.87
N GLU A 350 6.00 13.30 -17.57
CA GLU A 350 5.91 14.12 -16.37
C GLU A 350 5.91 13.33 -15.07
N ALA A 351 5.53 14.02 -14.00
CA ALA A 351 5.49 13.44 -12.66
C ALA A 351 6.83 12.79 -12.34
N GLY A 352 6.76 11.63 -11.68
CA GLY A 352 7.96 10.91 -11.30
C GLY A 352 7.59 9.70 -10.49
N VAL A 353 8.57 8.82 -10.31
CA VAL A 353 8.44 7.56 -9.57
C VAL A 353 8.24 6.47 -10.61
N VAL A 354 9.07 5.44 -10.52
CA VAL A 354 9.03 4.31 -11.42
C VAL A 354 8.67 3.09 -10.59
N VAL A 355 7.68 2.34 -11.06
CA VAL A 355 7.24 1.14 -10.36
C VAL A 355 7.37 -0.08 -11.25
N LYS A 356 7.85 -1.17 -10.67
CA LYS A 356 8.02 -2.43 -11.38
C LYS A 356 7.61 -3.55 -10.44
N ALA A 357 6.71 -4.41 -10.90
CA ALA A 357 6.23 -5.53 -10.11
C ALA A 357 6.47 -6.77 -10.96
N ASP A 358 6.44 -7.95 -10.34
CA ASP A 358 6.67 -9.19 -11.06
C ASP A 358 5.46 -9.65 -11.87
N THR A 359 4.28 -9.10 -11.57
CA THR A 359 3.07 -9.47 -12.30
C THR A 359 2.10 -8.32 -12.54
N LEU A 360 1.10 -8.55 -13.38
CA LEU A 360 0.09 -7.53 -13.67
C LEU A 360 -0.71 -7.17 -12.43
N GLY A 361 -1.12 -8.18 -11.67
CA GLY A 361 -1.89 -7.94 -10.46
C GLY A 361 -1.12 -7.11 -9.46
N SER A 362 0.09 -7.57 -9.12
CA SER A 362 0.92 -6.85 -8.17
C SER A 362 1.09 -5.40 -8.62
N LEU A 363 1.50 -5.24 -9.87
CA LEU A 363 1.69 -3.92 -10.43
C LEU A 363 0.45 -3.08 -10.15
N GLU A 364 -0.73 -3.59 -10.49
CA GLU A 364 -1.97 -2.84 -10.25
C GLU A 364 -2.19 -2.51 -8.78
N ALA A 365 -1.77 -3.43 -7.91
CA ALA A 365 -1.91 -3.23 -6.47
C ALA A 365 -1.02 -2.06 -6.02
N VAL A 366 0.27 -2.14 -6.39
CA VAL A 366 1.22 -1.09 -6.04
C VAL A 366 0.79 0.26 -6.60
N VAL A 367 0.50 0.29 -7.89
CA VAL A 367 0.08 1.53 -8.54
C VAL A 367 -1.14 2.08 -7.84
N LYS A 368 -2.02 1.18 -7.42
CA LYS A 368 -3.25 1.54 -6.73
C LYS A 368 -2.94 2.17 -5.38
N ILE A 369 -2.03 1.55 -4.63
CA ILE A 369 -1.66 2.05 -3.31
C ILE A 369 -0.97 3.39 -3.48
N LEU A 370 0.00 3.46 -4.39
CA LEU A 370 0.70 4.70 -4.63
C LEU A 370 -0.30 5.76 -5.09
N ARG A 371 -1.05 5.44 -6.14
CA ARG A 371 -2.06 6.36 -6.66
C ARG A 371 -3.01 6.75 -5.53
N ASP A 372 -3.10 5.87 -4.54
CA ASP A 372 -3.97 6.09 -3.38
C ASP A 372 -3.36 7.16 -2.48
N MSE A 373 -2.03 7.16 -2.40
CA MSE A 373 -1.26 8.12 -1.59
C MSE A 373 -0.93 9.34 -2.46
O MSE A 373 0.12 9.97 -2.27
CB MSE A 373 0.05 7.48 -1.10
CG MSE A 373 -0.14 6.24 -0.23
SE MSE A 373 1.36 5.19 -0.16
CE MSE A 373 2.62 6.44 0.26
N TYR A 374 -1.81 9.65 -3.41
CA TYR A 374 -1.62 10.77 -4.34
C TYR A 374 -0.20 10.94 -4.89
N VAL A 375 0.62 9.91 -4.74
CA VAL A 375 1.99 9.94 -5.25
C VAL A 375 1.97 9.67 -6.76
N PRO A 376 2.35 10.67 -7.56
CA PRO A 376 2.36 10.50 -9.02
C PRO A 376 3.35 9.45 -9.49
N ILE A 377 3.07 8.87 -10.67
CA ILE A 377 3.91 7.84 -11.26
C ILE A 377 4.32 8.17 -12.69
N LYS A 378 5.57 7.86 -13.02
CA LYS A 378 6.10 8.12 -14.35
C LYS A 378 6.19 6.80 -15.12
N VAL A 379 6.50 5.74 -14.39
CA VAL A 379 6.62 4.42 -14.99
C VAL A 379 6.07 3.34 -14.07
N ALA A 380 5.37 2.39 -14.68
CA ALA A 380 4.77 1.26 -14.00
C ALA A 380 4.69 0.15 -15.05
N ASP A 381 5.45 -0.92 -14.85
CA ASP A 381 5.45 -2.00 -15.81
C ASP A 381 5.89 -3.30 -15.16
N ILE A 382 5.97 -4.37 -15.94
CA ILE A 382 6.35 -5.67 -15.39
C ILE A 382 7.78 -6.02 -15.78
N GLY A 383 8.46 -6.76 -14.91
CA GLY A 383 9.82 -7.18 -15.22
C GLY A 383 10.94 -6.51 -14.44
N ASP A 384 12.08 -7.19 -14.39
CA ASP A 384 13.25 -6.70 -13.67
C ASP A 384 13.56 -5.24 -13.99
N VAL A 385 14.23 -4.56 -13.06
CA VAL A 385 14.62 -3.17 -13.24
C VAL A 385 15.65 -3.07 -14.37
N SER A 386 15.45 -2.12 -15.29
CA SER A 386 16.36 -1.96 -16.41
C SER A 386 17.07 -0.60 -16.46
N ARG A 387 18.14 -0.52 -17.24
CA ARG A 387 18.89 0.72 -17.37
C ARG A 387 17.91 1.87 -17.66
N ARG A 388 16.98 1.64 -18.58
CA ARG A 388 16.00 2.64 -18.96
C ARG A 388 15.08 3.09 -17.83
N ASP A 389 14.89 2.22 -16.83
CA ASP A 389 14.06 2.58 -15.69
C ASP A 389 14.86 3.54 -14.82
N VAL A 390 16.16 3.29 -14.75
CA VAL A 390 17.06 4.13 -13.97
C VAL A 390 17.16 5.50 -14.64
N VAL A 391 17.30 5.51 -15.96
CA VAL A 391 17.40 6.75 -16.70
C VAL A 391 16.15 7.59 -16.45
N ASN A 392 15.00 6.95 -16.50
CA ASN A 392 13.73 7.62 -16.28
C ASN A 392 13.57 8.09 -14.85
N ALA A 393 14.10 7.33 -13.90
CA ALA A 393 14.03 7.73 -12.51
C ALA A 393 14.82 9.03 -12.38
N GLY A 394 15.79 9.19 -13.28
CA GLY A 394 16.62 10.38 -13.29
C GLY A 394 15.89 11.57 -13.89
N ILE A 395 15.34 11.37 -15.09
CA ILE A 395 14.59 12.43 -15.76
C ILE A 395 13.56 12.98 -14.79
N ALA A 396 13.10 12.13 -13.88
CA ALA A 396 12.10 12.50 -12.90
C ALA A 396 12.79 13.06 -11.67
N LEU A 397 14.04 12.67 -11.45
CA LEU A 397 14.81 13.15 -10.31
C LEU A 397 15.05 14.65 -10.49
N GLN A 398 15.23 15.06 -11.75
CA GLN A 398 15.48 16.45 -12.09
C GLN A 398 14.40 17.41 -11.60
N GLU A 399 13.39 16.87 -10.93
CA GLU A 399 12.31 17.67 -10.35
C GLU A 399 11.81 16.94 -9.10
N ASP A 400 12.33 17.36 -7.95
CA ASP A 400 11.95 16.74 -6.67
C ASP A 400 12.63 15.39 -6.58
N ARG A 401 13.66 15.31 -5.74
CA ARG A 401 14.40 14.06 -5.56
C ARG A 401 13.52 13.00 -4.90
N VAL A 402 12.34 13.40 -4.44
CA VAL A 402 11.43 12.47 -3.81
C VAL A 402 10.87 11.50 -4.87
N TYR A 403 10.94 11.91 -6.14
CA TYR A 403 10.45 11.08 -7.24
C TYR A 403 11.60 10.21 -7.73
N GLY A 404 12.82 10.66 -7.49
CA GLY A 404 14.00 9.93 -7.93
C GLY A 404 14.17 8.58 -7.23
N ALA A 405 13.09 7.80 -7.23
CA ALA A 405 13.12 6.49 -6.59
C ALA A 405 12.48 5.41 -7.45
N ILE A 406 13.02 4.20 -7.31
CA ILE A 406 12.53 3.04 -8.03
C ILE A 406 11.95 2.09 -6.97
N ILE A 407 10.70 1.70 -7.18
CA ILE A 407 10.03 0.78 -6.27
C ILE A 407 9.82 -0.50 -7.06
N ALA A 408 10.63 -1.51 -6.75
CA ALA A 408 10.58 -2.79 -7.45
C ALA A 408 10.01 -3.93 -6.60
N PHE A 409 8.76 -4.30 -6.86
CA PHE A 409 8.12 -5.38 -6.13
C PHE A 409 8.47 -6.75 -6.70
N ASN A 410 8.91 -7.64 -5.82
CA ASN A 410 9.30 -9.01 -6.17
C ASN A 410 9.93 -9.10 -7.56
N VAL A 411 10.91 -8.24 -7.84
CA VAL A 411 11.57 -8.27 -9.13
C VAL A 411 13.07 -7.94 -8.99
N LYS A 412 13.90 -8.69 -9.71
CA LYS A 412 15.35 -8.52 -9.68
C LYS A 412 15.87 -7.32 -10.45
N VAL A 413 17.11 -6.95 -10.14
CA VAL A 413 17.76 -5.82 -10.78
C VAL A 413 18.79 -6.29 -11.82
N ILE A 414 18.44 -6.11 -13.09
CA ILE A 414 19.32 -6.52 -14.18
C ILE A 414 20.71 -5.89 -14.02
N PRO A 415 21.78 -6.69 -14.18
CA PRO A 415 23.16 -6.21 -14.07
C PRO A 415 23.37 -4.90 -14.83
N SER A 416 22.83 -4.84 -16.05
CA SER A 416 22.93 -3.66 -16.89
C SER A 416 22.39 -2.39 -16.21
N ALA A 417 21.51 -2.58 -15.23
CA ALA A 417 20.93 -1.44 -14.52
C ALA A 417 21.51 -1.27 -13.12
N ALA A 418 22.11 -2.33 -12.59
CA ALA A 418 22.71 -2.28 -11.26
C ALA A 418 24.03 -1.52 -11.28
N GLN A 419 24.52 -1.25 -12.49
CA GLN A 419 25.78 -0.53 -12.66
C GLN A 419 25.50 0.90 -13.09
N GLU A 420 24.60 1.08 -14.05
CA GLU A 420 24.22 2.40 -14.56
C GLU A 420 23.30 3.06 -13.52
N LEU A 421 23.36 2.55 -12.30
CA LEU A 421 22.56 3.04 -11.19
C LEU A 421 23.50 3.42 -10.04
N LYS A 422 24.76 3.01 -10.17
CA LYS A 422 25.77 3.30 -9.16
C LYS A 422 25.64 4.73 -8.67
N ASN A 423 25.61 5.68 -9.61
CA ASN A 423 25.47 7.08 -9.25
C ASN A 423 24.20 7.23 -8.40
N SER A 424 24.36 7.60 -7.14
CA SER A 424 23.24 7.77 -6.23
C SER A 424 22.21 8.77 -6.77
N ASP A 425 21.41 9.31 -5.85
CA ASP A 425 20.37 10.27 -6.15
C ASP A 425 19.05 9.57 -6.50
N ILE A 426 19.14 8.31 -6.93
CA ILE A 426 17.96 7.53 -7.26
C ILE A 426 17.88 6.34 -6.32
N LYS A 427 16.98 6.42 -5.34
CA LYS A 427 16.81 5.36 -4.36
C LYS A 427 16.01 4.18 -4.89
N LEU A 428 16.48 2.96 -4.59
CA LEU A 428 15.84 1.74 -5.04
C LEU A 428 15.27 0.89 -3.92
N PHE A 429 13.94 0.78 -3.85
CA PHE A 429 13.31 -0.02 -2.81
C PHE A 429 12.99 -1.42 -3.36
N GLN A 430 13.63 -2.45 -2.79
CA GLN A 430 13.42 -3.84 -3.20
C GLN A 430 12.78 -4.64 -2.09
N GLY A 431 12.01 -5.67 -2.47
CA GLY A 431 11.35 -6.51 -1.49
C GLY A 431 10.22 -7.34 -2.09
N ASN A 432 9.79 -8.36 -1.36
CA ASN A 432 8.71 -9.21 -1.82
C ASN A 432 7.42 -8.96 -1.05
N VAL A 433 7.41 -7.89 -0.25
CA VAL A 433 6.24 -7.51 0.54
C VAL A 433 5.91 -6.05 0.25
N ILE A 434 4.68 -5.79 -0.20
CA ILE A 434 4.22 -4.44 -0.56
C ILE A 434 4.11 -3.37 0.55
N TYR A 435 3.57 -3.70 1.72
CA TYR A 435 3.46 -2.64 2.73
C TYR A 435 4.82 -2.18 3.26
N ARG A 436 5.76 -3.12 3.40
CA ARG A 436 7.11 -2.76 3.88
C ARG A 436 7.68 -1.74 2.89
N LEU A 437 7.62 -2.06 1.61
CA LEU A 437 8.12 -1.17 0.57
C LEU A 437 7.48 0.19 0.70
N MSE A 438 6.17 0.20 0.90
CA MSE A 438 5.45 1.46 1.03
C MSE A 438 5.89 2.18 2.30
O MSE A 438 6.11 3.39 2.30
CB MSE A 438 3.95 1.21 1.02
CG MSE A 438 3.46 0.61 -0.30
SE MSE A 438 3.92 1.64 -1.72
CE MSE A 438 2.57 2.78 -1.76
N GLU A 439 6.01 1.42 3.39
CA GLU A 439 6.44 2.04 4.64
C GLU A 439 7.79 2.68 4.37
N GLU A 440 8.71 1.88 3.83
CA GLU A 440 10.06 2.33 3.50
C GLU A 440 10.03 3.57 2.62
N TYR A 441 9.11 3.61 1.67
CA TYR A 441 9.03 4.78 0.80
C TYR A 441 8.66 6.00 1.60
N GLU A 442 7.54 5.92 2.31
CA GLU A 442 7.04 7.03 3.13
C GLU A 442 8.06 7.63 4.10
N GLU A 443 8.75 6.79 4.86
CA GLU A 443 9.73 7.31 5.79
C GLU A 443 10.90 7.91 5.01
N TRP A 444 11.30 7.24 3.95
CA TRP A 444 12.39 7.75 3.12
C TRP A 444 12.00 9.17 2.72
N VAL A 445 10.77 9.35 2.26
CA VAL A 445 10.26 10.66 1.85
C VAL A 445 10.31 11.63 3.03
N ARG A 446 10.11 11.08 4.22
CA ARG A 446 10.11 11.84 5.47
C ARG A 446 11.44 12.58 5.65
N GLY A 447 12.54 11.84 5.61
CA GLY A 447 13.86 12.44 5.77
C GLY A 447 14.13 13.45 4.67
N ILE A 448 13.91 13.04 3.43
CA ILE A 448 14.11 13.91 2.27
C ILE A 448 13.14 15.08 2.35
N GLU A 449 12.16 14.96 3.23
CA GLU A 449 11.17 16.01 3.40
C GLU A 449 11.62 16.99 4.49
N GLU A 450 12.40 16.50 5.44
CA GLU A 450 12.92 17.34 6.52
C GLU A 450 14.23 17.94 6.02
N GLU A 451 15.00 17.11 5.32
CA GLU A 451 16.26 17.52 4.73
C GLU A 451 15.95 18.36 3.51
N LYS A 452 15.04 19.32 3.70
CA LYS A 452 14.61 20.23 2.65
C LYS A 452 14.32 21.55 3.33
N LYS A 453 13.33 21.56 4.22
CA LYS A 453 12.99 22.77 4.95
C LYS A 453 14.33 23.31 5.42
N LYS A 454 15.08 22.45 6.10
CA LYS A 454 16.41 22.78 6.61
C LYS A 454 17.19 23.53 5.53
N LYS A 455 17.44 22.87 4.41
CA LYS A 455 18.17 23.48 3.30
C LYS A 455 17.64 24.88 2.98
N TRP A 456 16.31 25.03 2.95
CA TRP A 456 15.69 26.32 2.65
C TRP A 456 15.71 27.26 3.85
N MSE A 457 15.93 26.69 5.04
CA MSE A 457 15.98 27.47 6.28
C MSE A 457 17.24 28.34 6.34
O MSE A 457 17.18 29.50 6.72
CB MSE A 457 15.96 26.54 7.50
CG MSE A 457 14.58 25.99 7.83
SE MSE A 457 13.40 27.33 8.20
CE MSE A 457 13.66 27.54 10.04
N GLU A 458 18.37 27.74 5.94
CA GLU A 458 19.66 28.42 5.93
C GLU A 458 19.54 29.79 5.24
N ALA A 459 18.79 29.82 4.15
CA ALA A 459 18.59 31.06 3.39
C ALA A 459 17.78 32.07 4.18
N ILE A 460 17.29 31.66 5.35
CA ILE A 460 16.50 32.56 6.19
C ILE A 460 17.32 33.14 7.35
N ILE A 461 17.22 34.46 7.52
CA ILE A 461 17.92 35.18 8.56
C ILE A 461 17.22 35.05 9.92
N LYS A 462 17.72 34.13 10.75
CA LYS A 462 17.16 33.86 12.08
C LYS A 462 17.38 35.00 13.07
N PRO A 463 16.72 34.95 14.24
CA PRO A 463 16.88 35.99 15.24
C PRO A 463 18.17 35.78 16.03
N ALA A 464 18.93 36.85 16.23
CA ALA A 464 20.19 36.78 16.95
C ALA A 464 20.46 38.11 17.63
N SER A 465 21.01 38.05 18.84
CA SER A 465 21.30 39.25 19.60
C SER A 465 22.79 39.29 19.92
N ILE A 466 23.36 40.49 19.94
CA ILE A 466 24.79 40.62 20.21
C ILE A 466 25.18 41.78 21.13
N ARG A 467 26.13 41.52 22.02
CA ARG A 467 26.62 42.53 22.95
C ARG A 467 28.07 42.90 22.68
N LEU A 468 28.32 44.19 22.50
CA LEU A 468 29.67 44.68 22.23
C LEU A 468 30.47 44.82 23.52
N ILE A 469 31.32 43.83 23.82
CA ILE A 469 32.15 43.82 25.03
C ILE A 469 32.98 45.12 25.16
N PRO A 470 32.85 45.80 26.31
CA PRO A 470 33.61 47.05 26.49
C PRO A 470 35.11 46.81 26.66
N LYS A 471 35.89 47.85 26.32
CA LYS A 471 37.35 47.82 26.43
C LYS A 471 38.05 46.83 25.52
N LEU A 472 37.37 46.44 24.44
CA LEU A 472 37.95 45.51 23.48
C LEU A 472 37.76 46.00 22.04
N VAL A 473 38.23 47.21 21.77
CA VAL A 473 38.13 47.79 20.44
C VAL A 473 39.47 47.66 19.72
N PHE A 474 39.50 46.90 18.63
CA PHE A 474 40.73 46.71 17.88
C PHE A 474 40.82 47.66 16.69
N ARG A 475 39.69 48.23 16.30
CA ARG A 475 39.66 49.15 15.18
C ARG A 475 38.36 49.96 15.23
N GLN A 476 38.45 51.27 15.03
CA GLN A 476 37.25 52.10 15.08
C GLN A 476 36.42 52.02 13.80
N SER A 477 36.96 52.55 12.70
CA SER A 477 36.24 52.56 11.41
C SER A 477 36.77 51.49 10.46
N LYS A 478 36.57 51.69 9.14
CA LYS A 478 36.99 50.68 8.18
C LYS A 478 36.22 49.53 8.79
N PRO A 479 36.66 48.27 8.65
CA PRO A 479 35.70 47.43 9.37
C PRO A 479 35.87 47.86 10.83
N ALA A 480 34.78 48.11 11.54
CA ALA A 480 34.93 48.42 12.95
C ALA A 480 35.25 47.00 13.40
N ILE A 481 36.04 46.84 14.45
CA ILE A 481 36.38 45.48 14.91
C ILE A 481 36.41 45.46 16.41
N GLY A 482 35.59 44.62 17.01
CA GLY A 482 35.58 44.56 18.46
C GLY A 482 35.25 43.19 18.99
N GLY A 483 35.48 43.01 20.29
CA GLY A 483 35.18 41.76 20.93
C GLY A 483 33.67 41.79 21.06
N VAL A 484 33.02 40.66 20.86
CA VAL A 484 31.56 40.61 20.92
C VAL A 484 31.10 39.32 21.57
N GLU A 485 29.94 39.36 22.22
CA GLU A 485 29.36 38.17 22.86
C GLU A 485 28.01 37.91 22.22
N VAL A 486 27.76 36.64 21.89
CA VAL A 486 26.48 36.26 21.30
C VAL A 486 25.49 36.09 22.46
N LEU A 487 24.44 36.90 22.48
CA LEU A 487 23.45 36.82 23.54
C LEU A 487 22.45 35.69 23.29
N THR A 488 21.75 35.75 22.17
CA THR A 488 20.78 34.71 21.85
C THR A 488 20.76 34.43 20.36
N GLY A 489 20.51 33.16 20.02
CA GLY A 489 20.45 32.78 18.63
C GLY A 489 21.80 32.46 18.04
N VAL A 490 21.92 32.66 16.74
CA VAL A 490 23.15 32.42 16.01
C VAL A 490 23.33 33.52 14.97
N ILE A 491 24.40 34.29 15.12
CA ILE A 491 24.71 35.38 14.22
C ILE A 491 25.61 34.81 13.12
N ARG A 492 25.33 35.15 11.88
CA ARG A 492 26.14 34.64 10.79
C ARG A 492 26.84 35.73 10.01
N GLN A 493 27.91 35.32 9.33
CA GLN A 493 28.68 36.24 8.53
C GLN A 493 27.75 36.78 7.46
N GLY A 494 27.59 38.10 7.45
CA GLY A 494 26.72 38.72 6.48
C GLY A 494 25.44 39.28 7.09
N TYR A 495 25.04 38.75 8.24
CA TYR A 495 23.83 39.24 8.89
C TYR A 495 23.85 40.75 9.10
N PRO A 496 22.71 41.43 8.87
CA PRO A 496 22.58 42.88 9.03
C PRO A 496 22.33 43.16 10.51
N LEU A 497 22.94 44.23 11.03
CA LEU A 497 22.78 44.57 12.44
C LEU A 497 22.13 45.92 12.62
N MSE A 498 21.26 46.03 13.61
CA MSE A 498 20.60 47.29 13.87
C MSE A 498 20.64 47.73 15.32
O MSE A 498 20.85 46.93 16.24
CB MSE A 498 19.13 47.25 13.39
CG MSE A 498 18.33 46.06 13.87
SE MSE A 498 16.51 46.31 13.68
CE MSE A 498 15.92 45.30 15.06
N ASN A 499 20.44 49.02 15.47
CA ASN A 499 20.41 49.75 16.73
C ASN A 499 19.33 49.21 17.67
N ASP A 500 19.28 49.79 18.87
CA ASP A 500 18.29 49.45 19.90
C ASP A 500 17.01 50.19 19.49
N ASP A 501 17.15 51.15 18.59
CA ASP A 501 16.05 51.95 18.08
C ASP A 501 15.80 51.67 16.60
N GLY A 502 16.11 50.44 16.19
CA GLY A 502 15.91 50.05 14.81
C GLY A 502 16.78 50.69 13.75
N GLU A 503 17.66 51.61 14.14
CA GLU A 503 18.55 52.26 13.17
C GLU A 503 19.62 51.27 12.69
N THR A 504 19.94 51.34 11.40
CA THR A 504 20.95 50.45 10.83
C THR A 504 22.34 50.83 11.32
N VAL A 505 23.15 49.83 11.67
CA VAL A 505 24.49 50.05 12.17
C VAL A 505 25.61 49.46 11.30
N GLY A 506 25.39 48.29 10.74
CA GLY A 506 26.42 47.70 9.89
C GLY A 506 26.13 46.26 9.55
N THR A 507 27.10 45.59 8.93
CA THR A 507 26.93 44.19 8.57
C THR A 507 28.10 43.37 9.09
N VAL A 508 27.79 42.18 9.60
CA VAL A 508 28.84 41.30 10.12
C VAL A 508 29.75 40.90 8.96
N GLU A 509 30.98 41.43 8.97
CA GLU A 509 31.95 41.14 7.91
C GLU A 509 32.71 39.83 8.15
N SER A 510 33.16 39.62 9.38
CA SER A 510 33.90 38.42 9.71
C SER A 510 33.96 38.22 11.21
N MSE A 511 34.29 36.99 11.62
CA MSE A 511 34.37 36.66 13.03
C MSE A 511 35.52 35.73 13.28
O MSE A 511 35.97 35.00 12.38
CB MSE A 511 33.09 35.98 13.49
CG MSE A 511 31.86 36.85 13.48
SE MSE A 511 30.44 35.87 13.99
CE MSE A 511 30.21 34.91 12.48
N GLN A 512 35.99 35.72 14.52
CA GLN A 512 37.11 34.89 14.92
C GLN A 512 36.97 34.57 16.41
N ASP A 513 36.98 33.27 16.73
CA ASP A 513 36.89 32.85 18.12
C ASP A 513 38.31 32.43 18.44
N LYS A 514 38.96 33.16 19.35
CA LYS A 514 40.35 32.91 19.69
C LYS A 514 41.14 32.94 18.39
N GLY A 515 41.48 31.78 17.84
CA GLY A 515 42.23 31.75 16.60
C GLY A 515 41.44 31.18 15.42
N GLU A 516 40.23 30.72 15.72
CA GLU A 516 39.36 30.14 14.72
C GLU A 516 38.52 31.17 13.99
N ASN A 517 38.54 31.09 12.66
CA ASN A 517 37.77 31.98 11.80
C ASN A 517 36.39 31.34 11.62
N LEU A 518 35.34 32.08 11.95
CA LEU A 518 33.98 31.56 11.87
C LEU A 518 33.06 32.39 11.00
N LYS A 519 31.91 31.82 10.67
CA LYS A 519 30.89 32.48 9.88
C LYS A 519 29.61 32.34 10.68
N SER A 520 29.68 31.49 11.71
CA SER A 520 28.54 31.23 12.57
C SER A 520 28.98 31.14 14.03
N ALA A 521 28.29 31.86 14.90
CA ALA A 521 28.60 31.85 16.33
C ALA A 521 27.28 31.93 17.11
N SER A 522 27.17 31.11 18.16
CA SER A 522 25.96 31.06 18.98
C SER A 522 26.27 31.29 20.46
N ARG A 523 25.38 30.77 21.31
CA ARG A 523 25.48 30.83 22.77
C ARG A 523 26.20 32.06 23.29
N GLY A 524 26.97 31.87 24.36
CA GLY A 524 27.75 32.96 24.94
C GLY A 524 29.14 32.75 24.40
N GLN A 525 29.20 32.64 23.07
CA GLN A 525 30.42 32.40 22.33
C GLN A 525 31.56 33.43 22.51
N LYS A 526 31.27 34.71 22.30
CA LYS A 526 32.31 35.74 22.44
C LYS A 526 33.44 35.57 21.43
N VAL A 527 33.53 36.50 20.49
CA VAL A 527 34.53 36.46 19.45
C VAL A 527 34.96 37.87 19.10
N ALA A 528 35.93 37.98 18.20
CA ALA A 528 36.40 39.28 17.74
C ALA A 528 35.62 39.43 16.46
N MSE A 529 34.82 40.48 16.34
CA MSE A 529 34.01 40.63 15.14
C MSE A 529 34.27 41.91 14.35
O MSE A 529 34.37 42.99 14.93
CB MSE A 529 32.51 40.58 15.53
CG MSE A 529 31.52 40.78 14.37
SE MSE A 529 29.75 40.87 14.93
CE MSE A 529 29.58 39.26 15.68
N ALA A 530 34.41 41.76 13.03
CA ALA A 530 34.60 42.89 12.13
C ALA A 530 33.20 43.27 11.66
N ILE A 531 32.86 44.55 11.76
CA ILE A 531 31.54 45.01 11.33
C ILE A 531 31.67 46.11 10.29
N LYS A 532 31.41 45.75 9.05
CA LYS A 532 31.47 46.70 7.93
C LYS A 532 30.46 47.81 8.17
N ASP A 533 30.83 49.04 7.79
CA ASP A 533 29.95 50.22 7.91
C ASP A 533 29.74 50.82 9.30
N ALA A 534 30.09 50.09 10.36
CA ALA A 534 29.92 50.58 11.73
C ALA A 534 31.15 51.40 12.18
N VAL A 535 30.94 52.31 13.13
CA VAL A 535 32.05 53.11 13.64
C VAL A 535 31.88 53.40 15.13
N TYR A 536 32.79 52.86 15.93
CA TYR A 536 32.74 53.04 17.37
C TYR A 536 32.68 54.50 17.80
N GLY A 537 31.98 54.76 18.91
CA GLY A 537 31.86 56.11 19.40
C GLY A 537 31.16 56.99 18.37
N LYS A 538 30.21 56.40 17.66
CA LYS A 538 29.45 57.11 16.65
C LYS A 538 28.20 56.26 16.38
N THR A 539 28.30 55.37 15.39
CA THR A 539 27.20 54.48 15.04
C THR A 539 27.07 53.38 16.07
N ILE A 540 28.21 52.87 16.51
CA ILE A 540 28.26 51.78 17.48
C ILE A 540 28.93 52.21 18.81
N HIS A 541 28.52 51.60 19.93
CA HIS A 541 29.08 51.97 21.23
C HIS A 541 29.35 50.77 22.13
N GLU A 542 30.53 50.73 22.75
CA GLU A 542 30.87 49.62 23.65
C GLU A 542 29.74 49.42 24.64
N GLY A 543 29.41 48.16 24.92
CA GLY A 543 28.33 47.89 25.85
C GLY A 543 27.01 47.70 25.11
N ASP A 544 26.89 48.33 23.96
CA ASP A 544 25.68 48.25 23.13
C ASP A 544 25.22 46.82 22.90
N THR A 545 23.93 46.70 22.61
CA THR A 545 23.34 45.43 22.26
C THR A 545 22.86 45.66 20.83
N LEU A 546 23.30 44.82 19.91
CA LEU A 546 22.90 44.95 18.52
C LEU A 546 21.96 43.79 18.19
N TYR A 547 21.02 44.02 17.28
CA TYR A 547 20.06 42.99 16.91
C TYR A 547 20.09 42.68 15.42
N VAL A 548 19.88 41.42 15.07
CA VAL A 548 19.85 41.07 13.66
C VAL A 548 18.67 41.81 13.05
N ASP A 549 18.92 42.44 11.90
CA ASP A 549 17.91 43.23 11.21
C ASP A 549 17.11 42.34 10.25
N ILE A 550 16.36 41.40 10.82
CA ILE A 550 15.54 40.49 10.01
C ILE A 550 14.59 41.24 9.08
N PRO A 551 14.52 40.81 7.81
CA PRO A 551 13.64 41.45 6.81
C PRO A 551 12.16 41.09 7.05
N GLU A 552 11.27 42.08 6.97
CA GLU A 552 9.83 41.87 7.19
C GLU A 552 9.33 40.49 6.75
N ASN A 553 9.57 40.17 5.48
CA ASN A 553 9.16 38.89 4.93
C ASN A 553 9.69 37.77 5.80
N HIS A 554 11.01 37.64 5.85
CA HIS A 554 11.67 36.61 6.66
C HIS A 554 10.96 36.45 8.01
N TYR A 555 10.58 37.58 8.60
CA TYR A 555 9.88 37.56 9.89
C TYR A 555 8.60 36.76 9.74
N HIS A 556 7.71 37.23 8.85
CA HIS A 556 6.44 36.57 8.58
C HIS A 556 6.64 35.05 8.60
N ILE A 557 7.73 34.60 7.98
CA ILE A 557 8.05 33.18 7.92
C ILE A 557 8.37 32.60 9.30
N LEU A 558 7.65 33.09 10.32
CA LEU A 558 7.81 32.59 11.68
C LEU A 558 6.95 31.33 11.72
N LYS A 559 5.98 31.32 10.80
CA LYS A 559 5.03 30.23 10.62
C LYS A 559 5.71 29.15 9.77
N GLU A 560 5.66 27.91 10.24
CA GLU A 560 6.28 26.76 9.57
C GLU A 560 7.73 26.68 10.05
N GLN A 561 8.39 27.84 10.05
CA GLN A 561 9.77 27.95 10.51
C GLN A 561 9.67 28.44 11.95
N LEU A 562 9.63 27.49 12.88
CA LEU A 562 9.51 27.79 14.30
C LEU A 562 9.59 26.45 15.03
N LEU A 566 12.48 26.86 16.82
CA LEU A 566 13.36 27.82 17.53
C LEU A 566 13.60 27.40 18.98
N THR A 567 14.50 28.13 19.65
CA THR A 567 14.79 27.87 21.04
C THR A 567 13.89 28.84 21.79
N ASP A 568 13.57 28.52 23.04
CA ASP A 568 12.70 29.39 23.83
C ASP A 568 13.26 30.81 23.85
N GLU A 569 14.55 30.92 23.55
CA GLU A 569 15.21 32.23 23.53
C GLU A 569 14.98 32.95 22.20
N GLU A 570 15.20 32.24 21.09
CA GLU A 570 15.01 32.81 19.77
C GLU A 570 13.59 33.31 19.58
N LEU A 571 12.64 32.72 20.31
CA LEU A 571 11.25 33.12 20.22
C LEU A 571 11.02 34.44 20.98
N ASP A 572 11.63 34.55 22.16
CA ASP A 572 11.49 35.77 22.97
C ASP A 572 12.23 36.89 22.26
N LEU A 573 13.33 36.54 21.60
CA LEU A 573 14.13 37.52 20.88
C LEU A 573 13.39 38.01 19.65
N MSE A 574 12.74 37.08 18.95
CA MSE A 574 11.99 37.43 17.74
C MSE A 574 10.90 38.45 18.06
O MSE A 574 10.62 39.33 17.25
CB MSE A 574 11.37 36.19 17.12
CG MSE A 574 10.71 36.43 15.78
SE MSE A 574 10.05 34.90 15.06
CE MSE A 574 11.55 34.29 14.18
N ASP A 575 10.29 38.33 19.24
CA ASP A 575 9.26 39.27 19.64
C ASP A 575 9.89 40.62 19.92
N LYS A 576 11.10 40.59 20.49
CA LYS A 576 11.84 41.81 20.83
C LYS A 576 12.21 42.58 19.56
N ILE A 577 12.75 41.87 18.57
CA ILE A 577 13.13 42.50 17.31
C ILE A 577 11.87 43.14 16.75
N ALA A 578 10.75 42.43 16.90
CA ALA A 578 9.45 42.91 16.44
C ALA A 578 9.10 44.22 17.15
N GLU A 579 9.09 44.20 18.48
CA GLU A 579 8.79 45.41 19.21
C GLU A 579 9.71 46.52 18.71
N ILE A 580 11.01 46.22 18.67
CA ILE A 580 12.04 47.17 18.22
C ILE A 580 11.71 47.86 16.91
N LYS A 581 11.33 47.08 15.90
CA LYS A 581 11.00 47.64 14.59
C LYS A 581 9.58 48.23 14.64
N ARG A 582 8.70 47.58 15.40
CA ARG A 582 7.31 48.00 15.54
C ARG A 582 7.23 49.51 15.76
N LYS A 583 8.18 50.05 16.50
CA LYS A 583 8.21 51.48 16.75
C LYS A 583 8.74 52.18 15.50
N LYS A 584 8.02 51.99 14.40
CA LYS A 584 8.35 52.58 13.11
C LYS A 584 7.45 51.99 12.03
N ASN A 585 6.63 51.01 12.41
CA ASN A 585 5.70 50.36 11.49
C ASN A 585 4.33 50.14 12.15
#